data_4S28
#
_entry.id   4S28
#
_cell.length_a   107.071
_cell.length_b   107.071
_cell.length_c   87.677
_cell.angle_alpha   90.00
_cell.angle_beta   90.00
_cell.angle_gamma   120.00
#
_symmetry.space_group_name_H-M   'P 32 2 1'
#
loop_
_entity.id
_entity.type
_entity.pdbx_description
1 polymer 'Phosphomethylpyrimidine synthase, chloroplastic'
2 non-polymer 'IRON/SULFUR CLUSTER'
3 non-polymer '5-AMINOIMIDAZOLE RIBONUCLEOTIDE'
4 non-polymer S-ADENOSYL-L-HOMOCYSTEINE
5 non-polymer 'FE (II) ION'
6 non-polymer 'CHLORIDE ION'
7 non-polymer 1,4-BUTANEDIOL
8 water water
#
_entity_poly.entity_id   1
_entity_poly.type   'polypeptide(L)'
_entity_poly.pdbx_seq_one_letter_code
;GHMKHTIDPSSPDFQPIPSFEECFPKSTKEHKEVVHEESGHVLKVPFRRVHLSGGEPAFDNYDTSGPQNVNAHIGLAKLR
KEWIDRREKLGTPRYTQMYYAKQGIITEEMLYCATREKLDPEFVRSEVARGRAIIPSNKKHLELEPMIVGRKFLVKVNAN
IGNSAVASSIEEEVYKVQWATMWGADTIMDLSTGRHIHETREWILRNSAVPVGTVPIYQALEKVDGIAENLNWEVFRETL
IEQAEQGVDYFTIHAGVLLRYIPLTAKRLTGIVSRGGSIHAKWCLAYHKENFAYEHWDDILDICNQYDVALSIGDGLRPG
SIYDANDTAQFAELLTQGELTRRAWEKDVQVMNEGPGHVPMHKIPENMQKQLEWCNEAPFYTLGPLTTDIAPGYDHITSA
IGAANIGALGTALLCYVTPKEHLGLPNRDDVKAGVIAYKIAAHAADLAKQHPHAQAWDDALSKARFEFRWMDQFALSLDP
MTAMSFHDETLPADGAKVAHFCSMCGPKFCSMKITEDIRKYAEENGYGSAEEAIRQGMDAMSEEFNIAKKTISGEQHGEV
GGEIYLPESYVKAAQK
;
_entity_poly.pdbx_strand_id   A
#
# COMPACT_ATOMS: atom_id res chain seq x y z
N SER A 11 7.84 22.17 -16.33
CA SER A 11 9.10 21.45 -16.25
C SER A 11 9.75 21.62 -14.88
N PRO A 12 9.29 20.85 -13.89
CA PRO A 12 9.83 20.89 -12.52
C PRO A 12 11.30 20.50 -12.46
N ASP A 13 12.00 20.95 -11.43
CA ASP A 13 13.41 20.65 -11.26
C ASP A 13 13.57 19.32 -10.51
N PHE A 14 13.26 18.23 -11.19
CA PHE A 14 13.33 16.90 -10.57
C PHE A 14 14.76 16.52 -10.20
N GLN A 15 14.93 15.94 -9.02
CA GLN A 15 16.21 15.45 -8.55
C GLN A 15 16.12 13.96 -8.25
N PRO A 16 17.16 13.20 -8.58
CA PRO A 16 17.10 11.74 -8.42
C PRO A 16 17.17 11.28 -6.97
N ILE A 17 16.45 10.20 -6.67
CA ILE A 17 16.60 9.54 -5.38
C ILE A 17 17.92 8.77 -5.38
N PRO A 18 18.44 8.44 -4.19
CA PRO A 18 19.60 7.54 -4.11
C PRO A 18 19.37 6.27 -4.91
N SER A 19 20.44 5.72 -5.45
CA SER A 19 20.32 4.58 -6.36
C SER A 19 19.91 3.32 -5.63
N PHE A 20 19.35 2.39 -6.40
CA PHE A 20 18.99 1.08 -5.89
C PHE A 20 20.21 0.44 -5.22
N GLU A 21 21.38 0.59 -5.84
CA GLU A 21 22.61 -0.01 -5.35
C GLU A 21 23.04 0.57 -4.02
N GLU A 22 22.84 1.88 -3.84
CA GLU A 22 23.14 2.53 -2.58
C GLU A 22 22.21 2.05 -1.47
N CYS A 23 20.95 1.82 -1.82
CA CYS A 23 19.95 1.42 -0.84
C CYS A 23 20.04 -0.06 -0.48
N PHE A 24 20.39 -0.87 -1.48
CA PHE A 24 20.39 -2.33 -1.34
C PHE A 24 21.69 -2.95 -1.83
N PRO A 25 22.78 -2.75 -1.08
CA PRO A 25 24.06 -3.34 -1.47
C PRO A 25 23.94 -4.86 -1.58
N LYS A 26 24.58 -5.40 -2.62
CA LYS A 26 24.57 -6.84 -2.92
C LYS A 26 23.28 -7.32 -3.58
N SER A 27 22.31 -6.43 -3.79
CA SER A 27 21.09 -6.81 -4.49
C SER A 27 21.14 -6.39 -5.95
N THR A 28 20.47 -7.17 -6.80
CA THR A 28 20.24 -6.76 -8.18
C THR A 28 18.76 -6.82 -8.49
N LYS A 29 18.32 -5.92 -9.37
CA LYS A 29 16.97 -5.99 -9.91
C LYS A 29 16.95 -7.05 -11.00
N GLU A 30 15.94 -7.90 -10.95
CA GLU A 30 15.78 -8.98 -11.92
C GLU A 30 14.33 -9.01 -12.38
N HIS A 31 14.07 -9.78 -13.43
N HIS A 31 14.06 -9.82 -13.40
CA HIS A 31 12.70 -10.01 -13.87
CA HIS A 31 12.68 -10.00 -13.85
C HIS A 31 12.52 -11.47 -14.22
C HIS A 31 12.46 -11.42 -14.33
N LYS A 32 11.36 -12.02 -13.88
CA LYS A 32 10.98 -13.36 -14.31
C LYS A 32 10.10 -13.25 -15.54
N GLU A 33 10.51 -13.87 -16.64
CA GLU A 33 9.75 -13.80 -17.87
C GLU A 33 8.72 -14.93 -17.94
N VAL A 34 7.47 -14.57 -18.21
N VAL A 34 7.48 -14.57 -18.22
CA VAL A 34 6.43 -15.55 -18.38
CA VAL A 34 6.39 -15.53 -18.32
C VAL A 34 5.62 -15.13 -19.58
C VAL A 34 5.45 -15.12 -19.45
N VAL A 35 4.97 -16.10 -20.21
CA VAL A 35 4.17 -15.83 -21.38
C VAL A 35 2.69 -15.92 -21.06
N HIS A 36 1.95 -14.88 -21.43
CA HIS A 36 0.50 -14.90 -21.31
C HIS A 36 -0.01 -15.67 -22.52
N GLU A 37 -0.50 -16.88 -22.29
CA GLU A 37 -0.71 -17.78 -23.42
C GLU A 37 -1.78 -17.35 -24.41
N GLU A 38 -2.86 -16.74 -23.93
CA GLU A 38 -3.93 -16.34 -24.85
C GLU A 38 -3.46 -15.29 -25.86
N SER A 39 -2.59 -14.39 -25.43
CA SER A 39 -2.18 -13.27 -26.27
C SER A 39 -0.81 -13.46 -26.87
N GLY A 40 0.01 -14.31 -26.26
CA GLY A 40 1.40 -14.41 -26.63
C GLY A 40 2.27 -13.29 -26.05
N HIS A 41 1.69 -12.43 -25.22
CA HIS A 41 2.47 -11.33 -24.63
C HIS A 41 3.46 -11.86 -23.60
N VAL A 42 4.69 -11.38 -23.68
CA VAL A 42 5.73 -11.75 -22.73
C VAL A 42 5.72 -10.73 -21.59
N LEU A 43 5.59 -11.22 -20.36
CA LEU A 43 5.55 -10.38 -19.18
C LEU A 43 6.89 -10.48 -18.46
N LYS A 44 7.39 -9.36 -17.95
CA LYS A 44 8.64 -9.33 -17.21
C LYS A 44 8.36 -8.90 -15.78
N VAL A 45 8.26 -9.88 -14.89
CA VAL A 45 7.76 -9.64 -13.55
C VAL A 45 8.95 -9.38 -12.60
N PRO A 46 8.97 -8.19 -11.97
CA PRO A 46 10.16 -7.79 -11.20
C PRO A 46 10.35 -8.58 -9.91
N PHE A 47 11.62 -8.78 -9.56
CA PHE A 47 11.99 -9.23 -8.23
C PHE A 47 13.39 -8.72 -7.94
N ARG A 48 13.80 -8.85 -6.70
N ARG A 48 13.81 -8.85 -6.69
CA ARG A 48 15.18 -8.56 -6.43
CA ARG A 48 15.15 -8.40 -6.22
C ARG A 48 15.88 -9.83 -6.06
C ARG A 48 15.97 -9.58 -5.70
N ARG A 49 17.17 -9.81 -6.26
CA ARG A 49 18.00 -10.93 -5.89
C ARG A 49 19.14 -10.46 -4.99
N VAL A 50 19.23 -11.05 -3.81
CA VAL A 50 20.27 -10.68 -2.86
C VAL A 50 21.38 -11.71 -2.98
N HIS A 51 22.57 -11.25 -3.38
CA HIS A 51 23.70 -12.13 -3.61
C HIS A 51 24.47 -12.35 -2.32
N LEU A 52 24.60 -13.62 -1.94
CA LEU A 52 25.14 -13.98 -0.64
C LEU A 52 26.46 -14.74 -0.78
N SER A 53 27.14 -14.92 0.33
CA SER A 53 28.44 -15.55 0.35
C SER A 53 28.35 -16.94 0.97
N GLY A 54 29.50 -17.60 1.10
CA GLY A 54 29.57 -18.86 1.82
C GLY A 54 28.76 -20.00 1.24
N GLY A 55 28.57 -20.00 -0.07
CA GLY A 55 27.82 -21.07 -0.71
C GLY A 55 26.31 -20.99 -0.52
N GLU A 56 25.80 -19.90 0.04
CA GLU A 56 24.35 -19.74 0.11
C GLU A 56 23.81 -19.42 -1.26
N PRO A 57 22.66 -20.01 -1.62
CA PRO A 57 22.02 -19.56 -2.86
C PRO A 57 21.55 -18.12 -2.69
N ALA A 58 21.50 -17.40 -3.80
CA ALA A 58 20.99 -16.03 -3.75
C ALA A 58 19.54 -16.06 -3.26
N PHE A 59 19.15 -15.01 -2.56
CA PHE A 59 17.81 -14.94 -2.01
C PHE A 59 16.95 -13.97 -2.82
N ASP A 60 15.83 -14.48 -3.33
CA ASP A 60 14.96 -13.68 -4.17
C ASP A 60 13.82 -13.10 -3.35
N ASN A 61 13.60 -11.80 -3.50
CA ASN A 61 12.57 -11.13 -2.75
C ASN A 61 11.69 -10.27 -3.66
N TYR A 62 10.59 -9.79 -3.10
CA TYR A 62 9.68 -8.90 -3.79
C TYR A 62 10.35 -7.57 -4.10
N ASP A 63 9.89 -6.89 -5.14
CA ASP A 63 10.51 -5.63 -5.54
C ASP A 63 9.47 -4.68 -6.12
N THR A 64 9.19 -3.59 -5.41
CA THR A 64 8.28 -2.55 -5.87
C THR A 64 8.97 -1.34 -6.43
N SER A 65 10.30 -1.32 -6.41
CA SER A 65 11.06 -0.10 -6.70
C SER A 65 10.87 0.42 -8.11
N GLY A 66 10.49 -0.47 -9.04
CA GLY A 66 10.21 -0.08 -10.41
C GLY A 66 11.46 0.24 -11.21
N PRO A 67 11.28 0.62 -12.47
CA PRO A 67 12.43 0.93 -13.33
C PRO A 67 13.24 2.08 -12.76
N GLN A 68 14.57 1.95 -12.84
CA GLN A 68 15.48 2.89 -12.22
C GLN A 68 16.12 3.84 -13.21
N ASN A 69 16.50 5.01 -12.71
CA ASN A 69 17.25 6.00 -13.50
C ASN A 69 16.50 6.51 -14.72
N VAL A 70 15.17 6.56 -14.63
CA VAL A 70 14.36 7.07 -15.72
C VAL A 70 14.07 8.56 -15.53
N ASN A 71 14.37 9.35 -16.55
CA ASN A 71 14.11 10.79 -16.51
C ASN A 71 12.63 11.04 -16.30
N ALA A 72 12.31 11.77 -15.22
CA ALA A 72 10.91 11.99 -14.88
C ALA A 72 10.18 12.87 -15.90
N HIS A 73 10.94 13.64 -16.67
N HIS A 73 10.94 13.64 -16.67
CA HIS A 73 10.36 14.42 -17.75
CA HIS A 73 10.36 14.42 -17.75
C HIS A 73 9.90 13.53 -18.89
C HIS A 73 9.89 13.52 -18.89
N ILE A 74 10.47 12.33 -18.97
CA ILE A 74 10.09 11.37 -20.02
C ILE A 74 9.04 10.37 -19.51
N GLY A 75 9.19 9.93 -18.27
CA GLY A 75 8.26 8.99 -17.68
C GLY A 75 8.62 7.55 -17.96
N LEU A 76 7.95 6.64 -17.27
CA LEU A 76 8.24 5.21 -17.39
C LEU A 76 7.70 4.61 -18.68
N ALA A 77 8.28 3.47 -19.07
CA ALA A 77 7.79 2.74 -20.23
C ALA A 77 6.33 2.34 -20.04
N LYS A 78 5.57 2.40 -21.12
CA LYS A 78 4.17 2.05 -21.08
C LYS A 78 3.98 0.54 -21.29
N LEU A 79 4.41 -0.22 -20.29
CA LEU A 79 4.54 -1.68 -20.42
C LEU A 79 3.22 -2.39 -20.71
N ARG A 80 2.11 -1.80 -20.29
CA ARG A 80 0.81 -2.47 -20.45
C ARG A 80 0.12 -2.13 -21.79
N LYS A 81 0.74 -1.31 -22.62
CA LYS A 81 0.07 -0.80 -23.81
C LYS A 81 -0.51 -1.90 -24.71
N GLU A 82 0.29 -2.91 -25.00
N GLU A 82 0.28 -2.91 -25.02
CA GLU A 82 -0.16 -3.96 -25.92
CA GLU A 82 -0.21 -3.94 -25.93
C GLU A 82 -1.30 -4.78 -25.31
C GLU A 82 -1.28 -4.82 -25.31
N TRP A 83 -1.31 -4.89 -23.98
CA TRP A 83 -2.36 -5.64 -23.31
C TRP A 83 -3.68 -4.90 -23.50
N ILE A 84 -3.67 -3.60 -23.23
CA ILE A 84 -4.87 -2.78 -23.31
C ILE A 84 -5.34 -2.66 -24.76
N ASP A 85 -4.40 -2.47 -25.69
CA ASP A 85 -4.77 -2.32 -27.09
C ASP A 85 -5.42 -3.60 -27.61
N ARG A 86 -4.86 -4.75 -27.26
CA ARG A 86 -5.44 -6.01 -27.72
C ARG A 86 -6.85 -6.22 -27.17
N ARG A 87 -7.06 -5.95 -25.89
CA ARG A 87 -8.38 -6.14 -25.32
C ARG A 87 -9.39 -5.18 -25.95
N GLU A 88 -8.97 -3.96 -26.28
CA GLU A 88 -9.87 -3.03 -26.93
C GLU A 88 -10.26 -3.53 -28.32
N LYS A 89 -9.28 -4.06 -29.05
CA LYS A 89 -9.55 -4.57 -30.39
C LYS A 89 -10.47 -5.80 -30.36
N LEU A 90 -10.36 -6.62 -29.32
CA LEU A 90 -11.29 -7.74 -29.16
C LEU A 90 -12.71 -7.28 -28.88
N GLY A 91 -12.82 -6.19 -28.12
CA GLY A 91 -14.11 -5.62 -27.75
C GLY A 91 -14.60 -6.19 -26.43
N THR A 92 -15.13 -5.33 -25.58
CA THR A 92 -15.63 -5.77 -24.29
C THR A 92 -16.62 -4.76 -23.73
N PRO A 93 -17.64 -5.23 -23.00
CA PRO A 93 -18.62 -4.28 -22.46
C PRO A 93 -18.11 -3.57 -21.20
N ARG A 94 -17.21 -4.22 -20.48
CA ARG A 94 -16.65 -3.69 -19.23
C ARG A 94 -15.18 -4.01 -19.23
N TYR A 95 -14.40 -3.20 -18.52
CA TYR A 95 -12.95 -3.25 -18.64
C TYR A 95 -12.27 -3.70 -17.35
N THR A 96 -13.05 -4.16 -16.37
CA THR A 96 -12.46 -4.44 -15.06
C THR A 96 -11.89 -5.84 -14.93
N GLN A 97 -10.90 -6.00 -14.07
CA GLN A 97 -10.35 -7.33 -13.82
C GLN A 97 -11.42 -8.27 -13.27
N MET A 98 -12.38 -7.74 -12.50
CA MET A 98 -13.46 -8.60 -12.02
C MET A 98 -14.36 -9.10 -13.15
N TYR A 99 -14.70 -8.22 -14.09
CA TYR A 99 -15.45 -8.64 -15.25
C TYR A 99 -14.73 -9.76 -15.99
N TYR A 100 -13.45 -9.56 -16.29
CA TYR A 100 -12.70 -10.57 -17.02
C TYR A 100 -12.65 -11.87 -16.23
N ALA A 101 -12.38 -11.78 -14.94
CA ALA A 101 -12.27 -12.96 -14.09
C ALA A 101 -13.58 -13.76 -14.11
N LYS A 102 -14.71 -13.06 -14.03
CA LYS A 102 -16.01 -13.73 -14.02
C LYS A 102 -16.32 -14.39 -15.36
N GLN A 103 -15.72 -13.91 -16.44
N GLN A 103 -15.70 -13.90 -16.41
CA GLN A 103 -15.90 -14.56 -17.73
CA GLN A 103 -15.82 -14.48 -17.74
C GLN A 103 -15.02 -15.80 -17.85
C GLN A 103 -14.86 -15.67 -17.94
N GLY A 104 -14.12 -16.02 -16.90
CA GLY A 104 -13.19 -17.13 -16.95
C GLY A 104 -11.89 -16.78 -17.66
N ILE A 105 -11.65 -15.48 -17.84
CA ILE A 105 -10.47 -15.03 -18.54
C ILE A 105 -9.33 -14.73 -17.58
N ILE A 106 -8.17 -15.33 -17.85
CA ILE A 106 -6.95 -14.96 -17.13
C ILE A 106 -6.25 -13.88 -17.94
N THR A 107 -6.21 -12.66 -17.41
CA THR A 107 -5.60 -11.54 -18.10
C THR A 107 -4.10 -11.50 -17.83
N GLU A 108 -3.39 -10.65 -18.58
CA GLU A 108 -1.98 -10.40 -18.31
C GLU A 108 -1.78 -9.95 -16.87
N GLU A 109 -2.67 -9.07 -16.40
CA GLU A 109 -2.53 -8.56 -15.03
C GLU A 109 -2.61 -9.70 -14.02
N MET A 110 -3.54 -10.62 -14.22
CA MET A 110 -3.68 -11.75 -13.32
C MET A 110 -2.46 -12.66 -13.33
N LEU A 111 -1.95 -12.96 -14.53
CA LEU A 111 -0.76 -13.79 -14.63
C LEU A 111 0.46 -13.10 -14.01
N TYR A 112 0.56 -11.78 -14.23
CA TYR A 112 1.66 -11.00 -13.68
C TYR A 112 1.64 -11.10 -12.15
N CYS A 113 0.47 -10.89 -11.56
CA CYS A 113 0.31 -10.98 -10.11
C CYS A 113 0.57 -12.38 -9.59
N ALA A 114 0.07 -13.40 -10.28
CA ALA A 114 0.27 -14.77 -9.86
C ALA A 114 1.77 -15.07 -9.81
N THR A 115 2.48 -14.65 -10.85
CA THR A 115 3.92 -14.86 -10.92
C THR A 115 4.60 -14.14 -9.75
N ARG A 116 4.18 -12.90 -9.50
CA ARG A 116 4.79 -12.07 -8.48
C ARG A 116 4.55 -12.61 -7.07
N GLU A 117 3.46 -13.35 -6.90
CA GLU A 117 3.06 -13.93 -5.62
C GLU A 117 3.43 -15.41 -5.49
N LYS A 118 4.02 -15.97 -6.55
CA LYS A 118 4.33 -17.41 -6.60
C LYS A 118 3.11 -18.29 -6.34
N LEU A 119 1.99 -17.91 -6.97
CA LEU A 119 0.75 -18.65 -6.84
C LEU A 119 0.17 -18.92 -8.23
N ASP A 120 -0.84 -19.78 -8.31
CA ASP A 120 -1.40 -20.16 -9.60
C ASP A 120 -2.27 -19.06 -10.20
N PRO A 121 -2.15 -18.83 -11.53
CA PRO A 121 -3.01 -17.82 -12.15
C PRO A 121 -4.50 -18.09 -11.98
N GLU A 122 -4.93 -19.35 -11.99
CA GLU A 122 -6.34 -19.65 -11.76
C GLU A 122 -6.77 -19.25 -10.36
N PHE A 123 -5.88 -19.39 -9.39
CA PHE A 123 -6.19 -18.98 -8.03
C PHE A 123 -6.38 -17.46 -7.95
N VAL A 124 -5.50 -16.73 -8.61
CA VAL A 124 -5.67 -15.28 -8.72
C VAL A 124 -7.02 -14.92 -9.36
N ARG A 125 -7.33 -15.56 -10.48
CA ARG A 125 -8.59 -15.29 -11.17
C ARG A 125 -9.77 -15.53 -10.23
N SER A 126 -9.73 -16.64 -9.51
CA SER A 126 -10.81 -17.01 -8.60
C SER A 126 -10.99 -15.97 -7.50
N GLU A 127 -9.88 -15.55 -6.91
CA GLU A 127 -9.95 -14.57 -5.82
C GLU A 127 -10.53 -13.24 -6.30
N VAL A 128 -10.14 -12.80 -7.49
CA VAL A 128 -10.66 -11.57 -8.04
C VAL A 128 -12.15 -11.73 -8.38
N ALA A 129 -12.52 -12.85 -9.00
CA ALA A 129 -13.91 -13.06 -9.38
C ALA A 129 -14.85 -13.08 -8.18
N ARG A 130 -14.39 -13.63 -7.07
CA ARG A 130 -15.24 -13.75 -5.89
C ARG A 130 -15.25 -12.48 -5.05
N GLY A 131 -14.43 -11.50 -5.43
CA GLY A 131 -14.37 -10.22 -4.73
C GLY A 131 -13.43 -10.19 -3.53
N ARG A 132 -12.61 -11.22 -3.35
CA ARG A 132 -11.76 -11.34 -2.18
C ARG A 132 -10.35 -10.80 -2.45
N ALA A 133 -10.09 -10.39 -3.68
CA ALA A 133 -8.83 -9.73 -4.02
C ALA A 133 -9.11 -8.76 -5.15
N ILE A 134 -8.31 -7.69 -5.22
CA ILE A 134 -8.40 -6.75 -6.33
C ILE A 134 -7.03 -6.49 -6.93
N ILE A 135 -7.03 -6.14 -8.21
CA ILE A 135 -5.83 -5.78 -8.95
C ILE A 135 -6.06 -4.36 -9.45
N PRO A 136 -5.66 -3.34 -8.67
CA PRO A 136 -5.97 -1.96 -9.06
C PRO A 136 -5.11 -1.57 -10.25
N SER A 137 -5.75 -1.35 -11.40
CA SER A 137 -5.01 -1.30 -12.66
C SER A 137 -5.79 -0.59 -13.77
N ASN A 138 -6.06 0.70 -13.56
CA ASN A 138 -6.73 1.52 -14.57
C ASN A 138 -6.02 1.36 -15.91
N LYS A 139 -6.80 1.17 -16.98
CA LYS A 139 -6.24 0.92 -18.30
C LYS A 139 -5.42 2.12 -18.83
N LYS A 140 -5.59 3.29 -18.22
CA LYS A 140 -4.81 4.48 -18.56
C LYS A 140 -3.50 4.59 -17.79
N HIS A 141 -3.29 3.71 -16.80
CA HIS A 141 -2.01 3.70 -16.08
C HIS A 141 -1.13 2.63 -16.73
N LEU A 142 -0.61 2.94 -17.92
CA LEU A 142 0.11 1.94 -18.69
C LEU A 142 1.49 1.62 -18.13
N GLU A 143 1.99 2.48 -17.25
CA GLU A 143 3.30 2.35 -16.62
C GLU A 143 3.31 1.33 -15.48
N LEU A 144 2.12 0.93 -15.03
CA LEU A 144 1.97 0.09 -13.86
C LEU A 144 2.54 -1.32 -14.01
N GLU A 145 3.32 -1.74 -13.01
CA GLU A 145 3.65 -3.15 -12.79
C GLU A 145 2.55 -3.75 -11.90
N PRO A 146 1.69 -4.63 -12.47
CA PRO A 146 0.55 -5.08 -11.66
C PRO A 146 0.88 -5.76 -10.34
N MET A 147 0.01 -5.51 -9.38
CA MET A 147 0.07 -6.14 -8.05
C MET A 147 -1.35 -6.47 -7.60
N ILE A 148 -1.45 -7.38 -6.63
CA ILE A 148 -2.74 -7.79 -6.12
C ILE A 148 -2.87 -7.52 -4.62
N VAL A 149 -4.07 -7.13 -4.20
CA VAL A 149 -4.41 -6.89 -2.81
C VAL A 149 -5.49 -7.89 -2.40
N GLY A 150 -5.20 -8.70 -1.40
CA GLY A 150 -6.20 -9.63 -0.90
C GLY A 150 -5.64 -10.48 0.20
N ARG A 151 -6.52 -10.98 1.07
CA ARG A 151 -6.09 -11.76 2.23
C ARG A 151 -5.29 -13.02 1.88
N LYS A 152 -5.52 -13.59 0.69
CA LYS A 152 -4.80 -14.80 0.32
C LYS A 152 -3.40 -14.51 -0.23
N PHE A 153 -3.03 -13.23 -0.30
CA PHE A 153 -1.78 -12.80 -0.90
C PHE A 153 -0.86 -12.17 0.15
N LEU A 154 0.33 -11.76 -0.25
CA LEU A 154 1.20 -11.03 0.66
C LEU A 154 0.48 -9.78 1.18
N VAL A 155 0.61 -9.48 2.46
CA VAL A 155 0.06 -8.24 2.99
C VAL A 155 0.78 -7.05 2.36
N LYS A 156 0.02 -6.07 1.88
CA LYS A 156 0.58 -4.94 1.15
C LYS A 156 0.55 -3.66 1.98
N VAL A 157 1.39 -2.71 1.60
CA VAL A 157 1.55 -1.42 2.28
C VAL A 157 1.26 -0.27 1.32
N ASN A 158 0.47 0.70 1.79
CA ASN A 158 0.29 1.95 1.04
C ASN A 158 1.06 3.08 1.69
N ALA A 159 1.73 3.90 0.87
CA ALA A 159 2.33 5.15 1.34
C ALA A 159 1.52 6.33 0.85
N ASN A 160 1.12 7.19 1.76
CA ASN A 160 0.43 8.42 1.43
C ASN A 160 1.41 9.54 1.26
N ILE A 161 1.29 10.26 0.16
CA ILE A 161 2.07 11.45 -0.10
C ILE A 161 1.13 12.54 -0.63
N GLY A 162 1.69 13.68 -1.04
CA GLY A 162 0.89 14.75 -1.59
C GLY A 162 1.21 16.03 -0.85
N ASN A 163 0.92 17.15 -1.48
CA ASN A 163 1.17 18.41 -0.80
C ASN A 163 0.01 18.82 0.12
N SER A 164 0.16 19.96 0.76
CA SER A 164 -0.97 20.68 1.34
C SER A 164 -0.82 22.13 0.93
N ALA A 165 -1.79 22.96 1.31
CA ALA A 165 -1.71 24.39 1.01
C ALA A 165 -0.53 25.04 1.74
N VAL A 166 -0.07 24.38 2.81
CA VAL A 166 0.99 24.91 3.68
C VAL A 166 2.39 24.43 3.29
N ALA A 167 2.49 23.27 2.64
CA ALA A 167 3.81 22.64 2.45
C ALA A 167 3.99 21.82 1.18
N SER A 168 5.26 21.75 0.74
CA SER A 168 5.77 20.87 -0.33
C SER A 168 5.62 21.40 -1.76
N SER A 169 6.01 20.57 -2.73
CA SER A 169 6.14 20.98 -4.13
C SER A 169 6.04 19.77 -5.04
N ILE A 170 5.91 20.01 -6.35
CA ILE A 170 5.81 18.90 -7.31
C ILE A 170 7.06 18.04 -7.27
N GLU A 171 8.22 18.69 -7.30
CA GLU A 171 9.49 17.96 -7.28
C GLU A 171 9.61 17.07 -6.06
N GLU A 172 9.22 17.60 -4.90
N GLU A 172 9.23 17.62 -4.91
CA GLU A 172 9.37 16.83 -3.69
CA GLU A 172 9.32 16.89 -3.63
C GLU A 172 8.39 15.65 -3.62
C GLU A 172 8.40 15.68 -3.61
N GLU A 173 7.20 15.83 -4.16
CA GLU A 173 6.23 14.73 -4.15
C GLU A 173 6.62 13.59 -5.11
N VAL A 174 7.17 13.92 -6.27
CA VAL A 174 7.68 12.88 -7.16
C VAL A 174 8.84 12.12 -6.50
N TYR A 175 9.75 12.86 -5.87
CA TYR A 175 10.82 12.23 -5.11
C TYR A 175 10.22 11.26 -4.10
N LYS A 176 9.19 11.71 -3.38
CA LYS A 176 8.60 10.89 -2.33
C LYS A 176 7.96 9.60 -2.84
N VAL A 177 7.36 9.64 -4.04
CA VAL A 177 6.82 8.40 -4.59
C VAL A 177 7.93 7.40 -4.96
N GLN A 178 8.98 7.89 -5.59
CA GLN A 178 10.11 7.03 -5.95
C GLN A 178 10.78 6.47 -4.69
N TRP A 179 10.88 7.32 -3.68
CA TRP A 179 11.49 6.94 -2.42
C TRP A 179 10.61 5.94 -1.66
N ALA A 180 9.30 6.19 -1.59
CA ALA A 180 8.41 5.26 -0.90
C ALA A 180 8.48 3.88 -1.50
N THR A 181 8.47 3.81 -2.84
CA THR A 181 8.50 2.52 -3.50
C THR A 181 9.86 1.84 -3.39
N MET A 182 10.93 2.62 -3.35
CA MET A 182 12.26 2.06 -3.09
C MET A 182 12.29 1.23 -1.81
N TRP A 183 11.60 1.71 -0.78
CA TRP A 183 11.64 1.05 0.52
C TRP A 183 10.57 0.00 0.72
N GLY A 184 9.67 -0.16 -0.26
CA GLY A 184 8.71 -1.24 -0.20
C GLY A 184 7.24 -0.87 -0.31
N ALA A 185 6.90 0.40 -0.53
CA ALA A 185 5.47 0.73 -0.70
C ALA A 185 4.90 -0.02 -1.90
N ASP A 186 3.78 -0.71 -1.68
CA ASP A 186 3.10 -1.47 -2.73
C ASP A 186 2.10 -0.63 -3.53
N THR A 187 1.49 0.35 -2.87
CA THR A 187 0.69 1.37 -3.56
C THR A 187 1.07 2.70 -2.97
N ILE A 188 0.73 3.77 -3.68
CA ILE A 188 0.80 5.10 -3.10
C ILE A 188 -0.53 5.80 -3.31
N MET A 189 -0.80 6.82 -2.50
CA MET A 189 -1.90 7.73 -2.81
C MET A 189 -1.39 9.15 -2.88
N ASP A 190 -1.87 9.88 -3.88
CA ASP A 190 -1.57 11.28 -4.00
C ASP A 190 -2.72 12.05 -3.38
N LEU A 191 -2.51 12.51 -2.16
CA LEU A 191 -3.53 13.18 -1.35
C LEU A 191 -3.40 14.69 -1.37
N SER A 192 -2.81 15.24 -2.43
N SER A 192 -2.81 15.20 -2.46
CA SER A 192 -2.61 16.69 -2.50
CA SER A 192 -2.50 16.61 -2.63
C SER A 192 -3.88 17.51 -2.24
C SER A 192 -3.71 17.53 -2.66
N THR A 193 -3.75 18.52 -1.38
N THR A 193 -3.44 18.80 -2.38
CA THR A 193 -4.83 19.45 -1.06
CA THR A 193 -4.42 19.88 -2.47
C THR A 193 -4.40 20.92 -1.23
C THR A 193 -3.78 21.10 -3.13
N GLY A 194 -3.27 21.13 -1.90
N GLY A 194 -4.51 22.21 -3.20
CA GLY A 194 -2.76 22.46 -2.11
CA GLY A 194 -3.95 23.42 -3.77
C GLY A 194 -2.81 22.85 -3.58
C GLY A 194 -4.16 23.58 -5.27
N ARG A 195 -1.72 23.42 -4.07
N ARG A 195 -3.30 24.37 -5.90
CA ARG A 195 -1.66 23.92 -5.44
CA ARG A 195 -3.53 24.85 -7.27
C ARG A 195 -1.35 22.79 -6.42
C ARG A 195 -2.86 24.04 -8.38
N HIS A 196 -1.66 23.03 -7.69
N HIS A 196 -2.12 22.99 -8.01
CA HIS A 196 -1.28 22.15 -8.79
CA HIS A 196 -1.39 22.19 -9.00
C HIS A 196 -1.62 20.68 -8.60
C HIS A 196 -1.74 20.71 -8.92
N ILE A 197 -2.86 20.42 -8.18
N ILE A 197 -2.98 20.42 -8.53
CA ILE A 197 -3.27 19.05 -7.91
CA ILE A 197 -3.41 19.05 -8.33
C ILE A 197 -3.23 18.16 -9.16
C ILE A 197 -3.27 18.19 -9.58
N HIS A 198 -3.81 18.63 -10.26
N HIS A 198 -3.83 18.66 -10.69
CA HIS A 198 -3.82 17.83 -11.49
CA HIS A 198 -3.79 17.89 -11.93
C HIS A 198 -2.41 17.53 -12.00
C HIS A 198 -2.36 17.62 -12.39
N GLU A 199 -1.60 18.58 -12.08
N GLU A 199 -1.49 18.61 -12.24
CA GLU A 199 -0.24 18.45 -12.60
CA GLU A 199 -0.11 18.46 -12.66
C GLU A 199 0.64 17.55 -11.74
C GLU A 199 0.70 17.55 -11.73
N THR A 200 0.55 17.73 -10.43
CA THR A 200 1.32 16.91 -9.47
C THR A 200 0.98 15.43 -9.72
N ARG A 201 -0.30 15.15 -9.86
CA ARG A 201 -0.76 13.78 -10.07
C ARG A 201 -0.33 13.22 -11.42
N GLU A 202 -0.33 14.06 -12.46
CA GLU A 202 0.13 13.61 -13.77
C GLU A 202 1.59 13.16 -13.73
N TRP A 203 2.45 13.99 -13.14
CA TRP A 203 3.85 13.62 -13.01
C TRP A 203 4.05 12.33 -12.22
N ILE A 204 3.26 12.17 -11.16
CA ILE A 204 3.32 10.98 -10.35
C ILE A 204 2.90 9.73 -11.12
N LEU A 205 1.75 9.78 -11.79
CA LEU A 205 1.25 8.62 -12.53
C LEU A 205 2.21 8.17 -13.63
N ARG A 206 2.74 9.13 -14.39
CA ARG A 206 3.63 8.79 -15.48
C ARG A 206 4.96 8.22 -14.98
N ASN A 207 5.24 8.44 -13.70
CA ASN A 207 6.48 7.98 -13.09
C ASN A 207 6.31 6.96 -11.98
N SER A 208 5.12 6.38 -11.88
CA SER A 208 4.86 5.39 -10.83
C SER A 208 4.63 4.00 -11.41
N ALA A 209 5.44 3.05 -10.96
CA ALA A 209 5.26 1.66 -11.34
C ALA A 209 4.27 0.94 -10.43
N VAL A 210 3.85 1.59 -9.35
CA VAL A 210 2.88 1.00 -8.43
C VAL A 210 1.51 1.67 -8.61
N PRO A 211 0.42 1.03 -8.14
CA PRO A 211 -0.89 1.67 -8.23
C PRO A 211 -0.92 2.99 -7.49
N VAL A 212 -1.67 3.93 -8.05
CA VAL A 212 -1.84 5.24 -7.47
C VAL A 212 -3.31 5.43 -7.15
N GLY A 213 -3.60 5.71 -5.88
CA GLY A 213 -4.96 6.05 -5.48
C GLY A 213 -5.12 7.52 -5.18
N THR A 214 -6.36 7.99 -5.19
CA THR A 214 -6.69 9.35 -4.76
C THR A 214 -7.97 9.35 -3.96
N VAL A 215 -8.27 10.50 -3.37
CA VAL A 215 -9.54 10.76 -2.74
C VAL A 215 -10.17 11.92 -3.53
N PRO A 216 -11.00 11.60 -4.55
CA PRO A 216 -11.48 12.64 -5.47
C PRO A 216 -12.19 13.83 -4.81
N ILE A 217 -12.81 13.65 -3.65
CA ILE A 217 -13.52 14.77 -3.04
C ILE A 217 -12.57 15.92 -2.68
N TYR A 218 -11.28 15.62 -2.46
CA TYR A 218 -10.34 16.71 -2.13
C TYR A 218 -10.26 17.69 -3.30
N GLN A 219 -10.03 17.18 -4.51
CA GLN A 219 -9.93 18.07 -5.66
C GLN A 219 -11.28 18.68 -6.00
N ALA A 220 -12.37 17.94 -5.81
CA ALA A 220 -13.69 18.51 -6.05
C ALA A 220 -13.90 19.73 -5.16
N LEU A 221 -13.48 19.63 -3.90
CA LEU A 221 -13.60 20.77 -2.99
C LEU A 221 -12.74 21.94 -3.45
N GLU A 222 -11.55 21.64 -3.97
N GLU A 222 -11.53 21.64 -3.90
CA GLU A 222 -10.68 22.66 -4.54
CA GLU A 222 -10.60 22.67 -4.37
C GLU A 222 -11.33 23.34 -5.76
C GLU A 222 -11.18 23.42 -5.58
N LYS A 223 -12.05 22.55 -6.56
N LYS A 223 -11.87 22.68 -6.46
CA LYS A 223 -12.73 23.07 -7.75
CA LYS A 223 -12.51 23.28 -7.62
C LYS A 223 -13.82 24.08 -7.41
C LYS A 223 -13.54 24.32 -7.22
N VAL A 224 -14.31 24.03 -6.18
CA VAL A 224 -15.32 24.96 -5.71
C VAL A 224 -14.77 25.89 -4.63
N ASP A 225 -13.45 26.06 -4.65
CA ASP A 225 -12.77 27.08 -3.84
C ASP A 225 -12.96 26.88 -2.34
N GLY A 226 -13.06 25.62 -1.92
CA GLY A 226 -13.16 25.30 -0.51
C GLY A 226 -14.52 25.51 0.12
N ILE A 227 -15.52 25.80 -0.71
CA ILE A 227 -16.88 25.99 -0.20
C ILE A 227 -17.64 24.68 -0.35
N ALA A 228 -17.76 23.93 0.75
CA ALA A 228 -18.31 22.58 0.70
C ALA A 228 -19.76 22.59 0.21
N GLU A 229 -20.47 23.66 0.51
CA GLU A 229 -21.87 23.80 0.11
C GLU A 229 -22.02 23.89 -1.40
N ASN A 230 -20.94 24.20 -2.10
CA ASN A 230 -20.99 24.25 -3.55
C ASN A 230 -20.58 22.95 -4.24
N LEU A 231 -20.26 21.93 -3.43
CA LEU A 231 -20.15 20.59 -3.98
C LEU A 231 -21.52 20.08 -4.40
N ASN A 232 -21.52 19.09 -5.29
CA ASN A 232 -22.71 18.37 -5.69
C ASN A 232 -22.25 17.22 -6.57
N TRP A 233 -23.17 16.35 -6.95
CA TRP A 233 -22.82 15.20 -7.79
C TRP A 233 -22.11 15.64 -9.06
N GLU A 234 -22.61 16.68 -9.73
CA GLU A 234 -22.04 17.02 -11.01
C GLU A 234 -20.55 17.40 -10.94
N VAL A 235 -20.17 18.22 -9.98
N VAL A 235 -20.20 18.23 -9.97
CA VAL A 235 -18.76 18.57 -9.89
CA VAL A 235 -18.81 18.61 -9.72
C VAL A 235 -17.92 17.37 -9.43
C VAL A 235 -17.97 17.36 -9.46
N PHE A 236 -18.51 16.49 -8.63
CA PHE A 236 -17.82 15.27 -8.24
C PHE A 236 -17.62 14.36 -9.46
N ARG A 237 -18.67 14.19 -10.27
CA ARG A 237 -18.62 13.37 -11.47
C ARG A 237 -17.51 13.83 -12.42
N GLU A 238 -17.43 15.13 -12.64
N GLU A 238 -17.47 15.14 -12.63
CA GLU A 238 -16.41 15.66 -13.52
CA GLU A 238 -16.43 15.78 -13.43
C GLU A 238 -15.00 15.44 -12.96
C GLU A 238 -15.06 15.36 -12.94
N THR A 239 -14.86 15.47 -11.64
CA THR A 239 -13.59 15.19 -11.01
C THR A 239 -13.21 13.72 -11.19
N LEU A 240 -14.20 12.82 -11.00
CA LEU A 240 -13.94 11.39 -11.21
C LEU A 240 -13.44 11.11 -12.61
N ILE A 241 -14.09 11.69 -13.62
CA ILE A 241 -13.68 11.44 -14.99
C ILE A 241 -12.28 11.99 -15.26
N GLU A 242 -12.02 13.21 -14.79
CA GLU A 242 -10.69 13.80 -14.93
C GLU A 242 -9.59 12.88 -14.38
N GLN A 243 -9.79 12.39 -13.16
CA GLN A 243 -8.79 11.58 -12.50
C GLN A 243 -8.67 10.20 -13.16
N ALA A 244 -9.82 9.64 -13.55
CA ALA A 244 -9.80 8.35 -14.23
C ALA A 244 -9.02 8.44 -15.54
N GLU A 245 -9.23 9.53 -16.29
CA GLU A 245 -8.55 9.69 -17.56
C GLU A 245 -7.02 9.73 -17.41
N GLN A 246 -6.53 10.21 -16.28
CA GLN A 246 -5.09 10.27 -16.05
C GLN A 246 -4.50 8.90 -15.73
N GLY A 247 -5.33 8.00 -15.21
CA GLY A 247 -4.86 6.67 -14.86
C GLY A 247 -4.96 6.30 -13.38
N VAL A 248 -5.66 7.09 -12.56
CA VAL A 248 -5.79 6.73 -11.15
C VAL A 248 -6.37 5.33 -11.01
N ASP A 249 -5.71 4.49 -10.21
CA ASP A 249 -6.08 3.08 -10.12
C ASP A 249 -7.18 2.78 -9.11
N TYR A 250 -7.32 3.62 -8.09
CA TYR A 250 -8.40 3.46 -7.14
C TYR A 250 -8.80 4.79 -6.54
N PHE A 251 -10.09 4.91 -6.22
CA PHE A 251 -10.65 6.10 -5.60
C PHE A 251 -11.16 5.75 -4.22
N THR A 252 -10.75 6.52 -3.21
CA THR A 252 -11.44 6.49 -1.93
C THR A 252 -12.68 7.37 -2.06
N ILE A 253 -13.84 6.78 -1.81
CA ILE A 253 -15.10 7.54 -1.88
C ILE A 253 -15.91 7.25 -0.62
N HIS A 254 -16.27 8.32 0.09
CA HIS A 254 -16.91 8.19 1.39
C HIS A 254 -18.43 8.11 1.28
N ALA A 255 -18.88 7.15 0.47
CA ALA A 255 -20.31 7.02 0.17
C ALA A 255 -21.11 6.40 1.32
N GLY A 256 -20.43 5.93 2.36
CA GLY A 256 -21.11 5.41 3.53
C GLY A 256 -21.35 6.42 4.64
N VAL A 257 -20.92 7.66 4.43
CA VAL A 257 -21.21 8.72 5.39
C VAL A 257 -22.62 9.23 5.12
N LEU A 258 -23.60 8.52 5.67
CA LEU A 258 -25.00 8.83 5.41
C LEU A 258 -25.49 9.92 6.34
N LEU A 259 -26.44 10.71 5.86
CA LEU A 259 -26.98 11.82 6.62
C LEU A 259 -27.38 11.40 8.03
N ARG A 260 -28.07 10.26 8.15
CA ARG A 260 -28.58 9.83 9.43
C ARG A 260 -27.50 9.32 10.39
N TYR A 261 -26.29 9.07 9.89
CA TYR A 261 -25.21 8.59 10.75
C TYR A 261 -24.48 9.76 11.40
N ILE A 262 -24.61 10.94 10.83
CA ILE A 262 -23.84 12.08 11.33
C ILE A 262 -24.15 12.43 12.82
N PRO A 263 -25.42 12.42 13.22
CA PRO A 263 -25.67 12.70 14.65
C PRO A 263 -25.08 11.67 15.59
N LEU A 264 -24.76 10.47 15.10
CA LEU A 264 -24.14 9.43 15.93
C LEU A 264 -22.75 9.85 16.39
N THR A 265 -22.20 10.90 15.78
CA THR A 265 -20.86 11.37 16.15
C THR A 265 -20.87 12.50 17.17
N ALA A 266 -22.04 12.95 17.60
CA ALA A 266 -22.15 14.13 18.44
C ALA A 266 -21.45 13.99 19.79
N LYS A 267 -21.43 12.78 20.34
CA LYS A 267 -20.83 12.56 21.65
C LYS A 267 -19.41 12.02 21.59
N ARG A 268 -18.83 11.99 20.40
CA ARG A 268 -17.45 11.54 20.25
C ARG A 268 -16.45 12.51 20.85
N LEU A 269 -15.33 11.96 21.31
CA LEU A 269 -14.26 12.78 21.84
C LEU A 269 -13.54 13.55 20.72
N THR A 270 -13.28 12.88 19.60
CA THR A 270 -12.55 13.54 18.52
C THR A 270 -13.38 13.70 17.23
N GLY A 271 -14.69 13.51 17.32
CA GLY A 271 -15.59 13.86 16.23
C GLY A 271 -15.33 13.07 14.96
N ILE A 272 -15.44 13.75 13.82
CA ILE A 272 -15.14 13.16 12.53
C ILE A 272 -13.73 13.58 12.12
N VAL A 273 -12.82 12.62 12.10
CA VAL A 273 -11.41 12.91 11.81
C VAL A 273 -11.04 12.66 10.36
N SER A 274 -11.89 11.95 9.64
CA SER A 274 -11.69 11.76 8.22
C SER A 274 -11.81 13.07 7.47
N ARG A 275 -10.83 13.39 6.64
CA ARG A 275 -10.87 14.59 5.82
C ARG A 275 -12.07 14.53 4.86
N GLY A 276 -12.14 13.50 4.04
CA GLY A 276 -13.25 13.36 3.12
C GLY A 276 -14.58 13.18 3.82
N GLY A 277 -14.58 12.42 4.91
CA GLY A 277 -15.80 12.20 5.66
C GLY A 277 -16.36 13.49 6.22
N SER A 278 -15.48 14.36 6.72
N SER A 278 -15.48 14.35 6.74
CA SER A 278 -15.94 15.62 7.29
CA SER A 278 -15.87 15.64 7.27
C SER A 278 -16.49 16.56 6.20
C SER A 278 -16.52 16.50 6.19
N ILE A 279 -15.91 16.51 5.01
CA ILE A 279 -16.41 17.31 3.90
C ILE A 279 -17.82 16.86 3.50
N HIS A 280 -18.01 15.55 3.36
CA HIS A 280 -19.35 15.03 3.05
C HIS A 280 -20.35 15.35 4.15
N ALA A 281 -19.91 15.25 5.40
CA ALA A 281 -20.81 15.52 6.52
C ALA A 281 -21.26 16.98 6.51
N LYS A 282 -20.32 17.88 6.21
CA LYS A 282 -20.63 19.30 6.17
C LYS A 282 -21.68 19.59 5.09
N TRP A 283 -21.50 18.98 3.91
CA TRP A 283 -22.45 19.18 2.82
C TRP A 283 -23.81 18.60 3.20
N CYS A 284 -23.84 17.38 3.73
CA CYS A 284 -25.09 16.74 4.11
C CYS A 284 -25.87 17.57 5.10
N LEU A 285 -25.18 18.08 6.11
CA LEU A 285 -25.86 18.91 7.10
C LEU A 285 -26.33 20.24 6.55
N ALA A 286 -25.54 20.82 5.66
CA ALA A 286 -25.88 22.12 5.06
C ALA A 286 -27.21 22.05 4.33
N TYR A 287 -27.47 20.92 3.68
CA TYR A 287 -28.66 20.77 2.83
C TYR A 287 -29.72 19.85 3.44
N HIS A 288 -29.38 19.17 4.53
CA HIS A 288 -30.19 18.07 5.05
C HIS A 288 -30.59 17.11 3.92
N LYS A 289 -29.58 16.69 3.16
N LYS A 289 -29.58 16.68 3.16
CA LYS A 289 -29.77 15.77 2.04
CA LYS A 289 -29.80 15.77 2.04
C LYS A 289 -28.88 14.56 2.22
C LYS A 289 -28.83 14.61 2.11
N GLU A 290 -29.24 13.47 1.56
CA GLU A 290 -28.41 12.28 1.58
C GLU A 290 -27.12 12.50 0.77
N ASN A 291 -26.05 11.90 1.27
CA ASN A 291 -24.75 11.90 0.64
C ASN A 291 -24.86 11.68 -0.87
N PHE A 292 -24.34 12.61 -1.67
CA PHE A 292 -24.52 12.53 -3.12
C PHE A 292 -23.74 11.40 -3.77
N ALA A 293 -22.66 10.97 -3.14
CA ALA A 293 -21.91 9.83 -3.66
C ALA A 293 -22.68 8.54 -3.41
N TYR A 294 -23.37 8.45 -2.26
CA TYR A 294 -24.28 7.35 -2.04
C TYR A 294 -25.41 7.35 -3.07
N GLU A 295 -26.07 8.50 -3.24
N GLU A 295 -26.07 8.50 -3.22
CA GLU A 295 -27.21 8.56 -4.14
CA GLU A 295 -27.20 8.59 -4.14
C GLU A 295 -26.86 8.32 -5.60
C GLU A 295 -26.81 8.21 -5.56
N HIS A 296 -25.61 8.60 -5.97
CA HIS A 296 -25.13 8.35 -7.32
C HIS A 296 -24.17 7.18 -7.44
N TRP A 297 -24.28 6.23 -6.51
CA TRP A 297 -23.37 5.09 -6.52
C TRP A 297 -23.38 4.37 -7.88
N ASP A 298 -24.56 4.13 -8.44
CA ASP A 298 -24.65 3.43 -9.72
C ASP A 298 -23.91 4.20 -10.82
N ASP A 299 -24.01 5.52 -10.81
CA ASP A 299 -23.32 6.34 -11.81
C ASP A 299 -21.81 6.28 -11.63
N ILE A 300 -21.37 6.18 -10.37
CA ILE A 300 -19.95 6.01 -10.11
C ILE A 300 -19.47 4.68 -10.68
N LEU A 301 -20.26 3.62 -10.49
CA LEU A 301 -19.90 2.32 -11.01
C LEU A 301 -19.77 2.34 -12.52
N ASP A 302 -20.64 3.09 -13.20
CA ASP A 302 -20.57 3.20 -14.66
C ASP A 302 -19.25 3.81 -15.10
N ILE A 303 -18.76 4.80 -14.37
CA ILE A 303 -17.46 5.38 -14.67
C ILE A 303 -16.36 4.34 -14.46
N CYS A 304 -16.39 3.67 -13.30
CA CYS A 304 -15.32 2.74 -12.97
C CYS A 304 -15.17 1.61 -13.96
N ASN A 305 -16.31 1.17 -14.51
N ASN A 305 -16.26 1.11 -14.51
CA ASN A 305 -16.36 0.07 -15.48
CA ASN A 305 -16.07 -0.04 -15.37
C ASN A 305 -15.63 0.35 -16.78
C ASN A 305 -15.73 0.32 -16.83
N GLN A 306 -15.59 1.61 -17.16
CA GLN A 306 -14.99 1.98 -18.43
C GLN A 306 -13.46 2.06 -18.37
N TYR A 307 -12.89 2.26 -17.18
CA TYR A 307 -11.46 2.43 -17.02
C TYR A 307 -10.80 1.31 -16.23
N ASP A 308 -11.59 0.60 -15.44
CA ASP A 308 -11.14 -0.21 -14.29
C ASP A 308 -10.50 0.69 -13.23
N VAL A 309 -11.31 1.55 -12.63
CA VAL A 309 -10.92 2.17 -11.38
C VAL A 309 -11.53 1.34 -10.26
N ALA A 310 -10.72 0.90 -9.29
CA ALA A 310 -11.24 0.19 -8.15
C ALA A 310 -11.78 1.20 -7.14
N LEU A 311 -12.79 0.79 -6.39
CA LEU A 311 -13.35 1.65 -5.36
C LEU A 311 -12.85 1.22 -3.99
N SER A 312 -12.26 2.17 -3.27
CA SER A 312 -11.85 1.97 -1.90
C SER A 312 -12.90 2.70 -1.07
N ILE A 313 -13.87 1.96 -0.55
CA ILE A 313 -15.00 2.60 0.09
C ILE A 313 -14.54 3.18 1.40
N GLY A 314 -14.63 4.51 1.54
CA GLY A 314 -14.01 5.20 2.65
C GLY A 314 -14.64 4.88 3.98
N ASP A 315 -13.92 5.14 5.06
CA ASP A 315 -14.54 5.11 6.38
C ASP A 315 -14.49 6.51 7.00
N GLY A 316 -15.40 7.35 6.54
CA GLY A 316 -15.45 8.71 7.01
C GLY A 316 -15.82 8.84 8.47
N LEU A 317 -16.41 7.79 9.04
CA LEU A 317 -16.77 7.79 10.46
C LEU A 317 -15.84 6.88 11.26
N ARG A 318 -14.61 6.69 10.79
CA ARG A 318 -13.66 5.96 11.61
C ARG A 318 -13.34 6.70 12.90
N PRO A 319 -12.91 5.94 13.92
CA PRO A 319 -12.56 6.57 15.21
C PRO A 319 -11.21 7.26 15.12
N GLY A 320 -11.14 8.48 15.66
CA GLY A 320 -9.91 9.25 15.69
C GLY A 320 -9.27 9.33 17.06
N SER A 321 -9.77 8.55 18.02
CA SER A 321 -9.24 8.47 19.37
C SER A 321 -9.62 7.10 19.90
N ILE A 322 -8.86 6.61 20.88
CA ILE A 322 -9.19 5.36 21.53
C ILE A 322 -10.61 5.42 22.11
N TYR A 323 -10.98 6.58 22.67
CA TYR A 323 -12.30 6.76 23.25
C TYR A 323 -13.42 6.38 22.28
N ASP A 324 -13.25 6.73 21.01
CA ASP A 324 -14.30 6.57 20.01
C ASP A 324 -14.30 5.20 19.32
N ALA A 325 -13.33 4.34 19.64
CA ALA A 325 -13.18 3.09 18.91
C ALA A 325 -14.40 2.19 19.00
N ASN A 326 -14.79 1.63 17.86
CA ASN A 326 -15.85 0.61 17.81
C ASN A 326 -17.19 1.15 18.26
N ASP A 327 -17.42 2.43 18.02
CA ASP A 327 -18.69 3.03 18.42
C ASP A 327 -19.78 2.85 17.36
N THR A 328 -20.99 3.32 17.68
CA THR A 328 -22.14 3.11 16.82
C THR A 328 -21.95 3.73 15.43
N ALA A 329 -21.40 4.94 15.39
CA ALA A 329 -21.17 5.61 14.12
C ALA A 329 -20.26 4.78 13.22
N GLN A 330 -19.17 4.29 13.79
CA GLN A 330 -18.20 3.53 13.01
C GLN A 330 -18.84 2.31 12.35
N PHE A 331 -19.60 1.55 13.13
CA PHE A 331 -20.15 0.30 12.64
C PHE A 331 -21.39 0.50 11.76
N ALA A 332 -22.11 1.60 11.97
CA ALA A 332 -23.20 1.95 11.06
C ALA A 332 -22.63 2.10 9.65
N GLU A 333 -21.52 2.83 9.54
CA GLU A 333 -20.89 3.01 8.25
C GLU A 333 -20.38 1.70 7.67
N LEU A 334 -19.81 0.83 8.51
CA LEU A 334 -19.32 -0.46 8.03
C LEU A 334 -20.45 -1.28 7.39
N LEU A 335 -21.62 -1.27 8.02
CA LEU A 335 -22.77 -1.96 7.46
C LEU A 335 -23.08 -1.44 6.05
N THR A 336 -23.08 -0.12 5.89
CA THR A 336 -23.32 0.48 4.59
C THR A 336 -22.21 0.19 3.58
N GLN A 337 -20.96 0.14 4.05
N GLN A 337 -20.96 0.14 4.05
CA GLN A 337 -19.85 -0.25 3.16
CA GLN A 337 -19.86 -0.26 3.19
C GLN A 337 -20.13 -1.62 2.54
C GLN A 337 -20.17 -1.61 2.53
N GLY A 338 -20.70 -2.54 3.33
CA GLY A 338 -21.03 -3.85 2.81
C GLY A 338 -22.11 -3.81 1.75
N GLU A 339 -23.15 -3.00 1.97
CA GLU A 339 -24.19 -2.83 0.96
C GLU A 339 -23.59 -2.28 -0.34
N LEU A 340 -22.74 -1.27 -0.22
CA LEU A 340 -22.13 -0.64 -1.38
C LEU A 340 -21.20 -1.60 -2.11
N THR A 341 -20.52 -2.45 -1.35
CA THR A 341 -19.64 -3.47 -1.92
C THR A 341 -20.43 -4.43 -2.79
N ARG A 342 -21.52 -4.96 -2.25
CA ARG A 342 -22.32 -5.90 -3.01
C ARG A 342 -22.93 -5.26 -4.26
N ARG A 343 -23.32 -3.99 -4.16
CA ARG A 343 -23.86 -3.28 -5.31
C ARG A 343 -22.79 -3.11 -6.38
N ALA A 344 -21.58 -2.77 -5.96
CA ALA A 344 -20.47 -2.61 -6.91
C ALA A 344 -20.18 -3.92 -7.65
N TRP A 345 -20.21 -5.03 -6.92
CA TRP A 345 -19.93 -6.32 -7.52
C TRP A 345 -20.98 -6.71 -8.57
N GLU A 346 -22.23 -6.27 -8.39
CA GLU A 346 -23.27 -6.54 -9.39
C GLU A 346 -22.91 -5.94 -10.73
N LYS A 347 -22.10 -4.89 -10.72
CA LYS A 347 -21.62 -4.25 -11.94
C LYS A 347 -20.16 -4.60 -12.26
N ASP A 348 -19.62 -5.58 -11.54
CA ASP A 348 -18.26 -6.07 -11.76
C ASP A 348 -17.17 -5.05 -11.44
N VAL A 349 -17.45 -4.12 -10.53
CA VAL A 349 -16.45 -3.15 -10.12
C VAL A 349 -15.66 -3.68 -8.94
N GLN A 350 -14.32 -3.61 -9.02
CA GLN A 350 -13.45 -4.04 -7.94
C GLN A 350 -13.58 -3.13 -6.74
N VAL A 351 -13.59 -3.73 -5.55
CA VAL A 351 -13.81 -2.99 -4.31
C VAL A 351 -12.88 -3.46 -3.19
N MET A 352 -12.38 -2.49 -2.43
CA MET A 352 -11.87 -2.77 -1.09
C MET A 352 -12.56 -1.83 -0.10
N ASN A 353 -12.46 -2.13 1.19
CA ASN A 353 -13.13 -1.33 2.20
C ASN A 353 -12.10 -0.72 3.11
N GLU A 354 -12.23 0.57 3.40
CA GLU A 354 -11.31 1.23 4.32
C GLU A 354 -11.75 1.04 5.77
N GLY A 355 -10.75 0.83 6.62
CA GLY A 355 -10.99 0.55 8.03
C GLY A 355 -10.21 1.46 8.95
N PRO A 356 -10.41 1.28 10.26
CA PRO A 356 -9.90 2.19 11.28
C PRO A 356 -8.36 2.20 11.30
N GLY A 357 -7.73 3.19 11.91
CA GLY A 357 -8.31 4.19 12.80
C GLY A 357 -7.51 4.16 14.11
N HIS A 358 -8.10 4.64 15.19
CA HIS A 358 -7.53 4.49 16.52
C HIS A 358 -8.35 3.42 17.22
N VAL A 359 -7.72 2.28 17.53
CA VAL A 359 -8.42 1.12 18.09
C VAL A 359 -7.48 0.41 19.07
N PRO A 360 -7.89 0.29 20.35
CA PRO A 360 -7.04 -0.44 21.30
C PRO A 360 -7.03 -1.93 20.94
N MET A 361 -6.00 -2.65 21.37
N MET A 361 -6.01 -2.65 21.36
CA MET A 361 -5.78 -4.00 20.86
CA MET A 361 -5.79 -4.00 20.83
C MET A 361 -6.91 -4.98 21.11
C MET A 361 -6.95 -4.95 21.09
N HIS A 362 -7.60 -4.86 22.24
CA HIS A 362 -8.68 -5.78 22.56
C HIS A 362 -9.91 -5.59 21.65
N LYS A 363 -10.00 -4.44 21.00
CA LYS A 363 -11.11 -4.13 20.12
C LYS A 363 -10.80 -4.44 18.65
N ILE A 364 -9.56 -4.85 18.36
CA ILE A 364 -9.20 -5.19 16.98
C ILE A 364 -9.95 -6.40 16.41
N PRO A 365 -10.07 -7.51 17.17
CA PRO A 365 -10.76 -8.67 16.59
C PRO A 365 -12.19 -8.38 16.14
N GLU A 366 -12.95 -7.61 16.91
CA GLU A 366 -14.32 -7.27 16.52
C GLU A 366 -14.34 -6.55 15.17
N ASN A 367 -13.36 -5.69 14.93
CA ASN A 367 -13.29 -5.00 13.65
C ASN A 367 -13.18 -5.94 12.48
N MET A 368 -12.30 -6.92 12.59
CA MET A 368 -12.11 -7.88 11.50
C MET A 368 -13.31 -8.78 11.36
N GLN A 369 -13.86 -9.23 12.48
CA GLN A 369 -14.99 -10.15 12.43
C GLN A 369 -16.18 -9.51 11.71
N LYS A 370 -16.51 -8.28 12.09
CA LYS A 370 -17.64 -7.61 11.48
C LYS A 370 -17.38 -7.29 10.02
N GLN A 371 -16.16 -6.87 9.67
CA GLN A 371 -15.89 -6.56 8.27
C GLN A 371 -15.99 -7.81 7.38
N LEU A 372 -15.42 -8.92 7.85
CA LEU A 372 -15.42 -10.14 7.04
C LEU A 372 -16.84 -10.59 6.75
N GLU A 373 -17.70 -10.47 7.77
CA GLU A 373 -19.09 -10.89 7.64
C GLU A 373 -19.92 -9.90 6.84
N TRP A 374 -19.91 -8.64 7.26
CA TRP A 374 -20.82 -7.65 6.71
C TRP A 374 -20.42 -7.22 5.31
N CYS A 375 -19.16 -7.41 4.95
CA CYS A 375 -18.66 -6.98 3.65
C CYS A 375 -18.21 -8.15 2.78
N ASN A 376 -18.65 -9.35 3.14
CA ASN A 376 -18.48 -10.51 2.27
C ASN A 376 -17.03 -10.73 1.87
N GLU A 377 -16.14 -10.53 2.83
CA GLU A 377 -14.72 -10.81 2.64
C GLU A 377 -13.99 -9.94 1.62
N ALA A 378 -14.59 -8.81 1.24
CA ALA A 378 -13.86 -7.86 0.38
C ALA A 378 -12.54 -7.48 1.08
N PRO A 379 -11.49 -7.16 0.32
CA PRO A 379 -10.24 -6.74 0.97
C PRO A 379 -10.44 -5.54 1.89
N PHE A 380 -9.76 -5.56 3.03
CA PHE A 380 -9.84 -4.51 4.04
C PHE A 380 -8.52 -3.72 4.00
N TYR A 381 -8.63 -2.43 4.26
CA TYR A 381 -7.54 -1.47 4.06
C TYR A 381 -7.55 -0.49 5.23
N THR A 382 -6.68 -0.72 6.20
CA THR A 382 -6.74 0.01 7.47
C THR A 382 -5.71 1.13 7.59
N LEU A 383 -6.05 2.15 8.36
CA LEU A 383 -5.11 3.23 8.66
C LEU A 383 -4.52 2.93 10.04
N GLY A 384 -3.49 2.09 10.06
CA GLY A 384 -3.06 1.48 11.31
C GLY A 384 -3.78 0.17 11.54
N PRO A 385 -4.49 0.06 12.67
CA PRO A 385 -4.85 1.15 13.59
C PRO A 385 -3.81 1.49 14.65
N LEU A 386 -3.86 2.74 15.11
CA LEU A 386 -3.11 3.15 16.30
C LEU A 386 -3.69 2.50 17.53
N THR A 387 -2.82 1.93 18.37
CA THR A 387 -3.28 1.18 19.53
C THR A 387 -3.30 2.02 20.81
N THR A 388 -2.85 3.26 20.71
CA THR A 388 -2.86 4.19 21.82
C THR A 388 -2.65 5.59 21.27
N ASP A 389 -3.16 6.59 21.99
CA ASP A 389 -3.06 7.99 21.60
C ASP A 389 -1.89 8.73 22.25
N ILE A 390 -1.10 8.06 23.08
CA ILE A 390 -0.19 8.76 23.99
C ILE A 390 1.14 9.23 23.40
N ALA A 391 1.45 8.87 22.15
CA ALA A 391 2.80 9.09 21.65
C ALA A 391 2.90 9.72 20.27
N PRO A 392 2.28 10.90 20.08
CA PRO A 392 2.55 11.62 18.83
C PRO A 392 4.05 11.83 18.66
N GLY A 393 4.53 11.66 17.44
CA GLY A 393 5.95 11.62 17.16
C GLY A 393 6.41 10.18 16.95
N TYR A 394 5.61 9.23 17.42
CA TYR A 394 5.94 7.81 17.32
C TYR A 394 4.74 7.01 16.83
N ASP A 395 3.86 7.65 16.06
CA ASP A 395 2.64 6.93 15.66
C ASP A 395 2.87 5.88 14.57
N HIS A 396 4.06 5.84 13.98
CA HIS A 396 4.43 4.70 13.16
C HIS A 396 4.60 3.45 14.02
N ILE A 397 4.96 3.62 15.28
CA ILE A 397 5.13 2.50 16.20
C ILE A 397 3.80 2.13 16.86
N THR A 398 3.07 3.13 17.37
CA THR A 398 1.78 2.85 17.98
C THR A 398 0.85 2.14 17.00
N SER A 399 0.97 2.50 15.71
CA SER A 399 0.15 1.90 14.68
C SER A 399 0.75 0.65 14.05
N ALA A 400 2.07 0.49 14.05
CA ALA A 400 2.63 -0.78 13.56
C ALA A 400 2.09 -1.94 14.38
N ILE A 401 1.90 -1.73 15.68
CA ILE A 401 1.34 -2.77 16.53
C ILE A 401 -0.06 -3.16 16.04
N GLY A 402 -0.92 -2.15 15.81
CA GLY A 402 -2.27 -2.43 15.38
C GLY A 402 -2.34 -2.99 13.97
N ALA A 403 -1.52 -2.44 13.09
CA ALA A 403 -1.48 -2.89 11.70
C ALA A 403 -1.04 -4.35 11.61
N ALA A 404 -0.01 -4.71 12.39
CA ALA A 404 0.45 -6.10 12.39
C ALA A 404 -0.67 -7.01 12.88
N ASN A 405 -1.36 -6.59 13.94
N ASN A 405 -1.33 -6.59 13.95
CA ASN A 405 -2.42 -7.44 14.48
CA ASN A 405 -2.43 -7.39 14.52
C ASN A 405 -3.62 -7.59 13.55
C ASN A 405 -3.58 -7.58 13.53
N ILE A 406 -4.06 -6.49 12.96
CA ILE A 406 -5.21 -6.57 12.08
C ILE A 406 -4.82 -7.23 10.75
N GLY A 407 -3.56 -7.07 10.34
CA GLY A 407 -3.01 -7.81 9.20
C GLY A 407 -3.03 -9.31 9.47
N ALA A 408 -2.62 -9.71 10.68
CA ALA A 408 -2.63 -11.12 11.01
C ALA A 408 -4.04 -11.71 10.93
N LEU A 409 -5.04 -10.90 11.26
CA LEU A 409 -6.43 -11.35 11.21
C LEU A 409 -7.03 -11.33 9.81
N GLY A 410 -6.32 -10.78 8.84
CA GLY A 410 -6.76 -10.85 7.45
C GLY A 410 -6.77 -9.57 6.65
N THR A 411 -6.40 -8.45 7.24
CA THR A 411 -6.39 -7.17 6.53
C THR A 411 -5.36 -7.21 5.41
N ALA A 412 -5.78 -6.80 4.21
CA ALA A 412 -5.01 -7.01 3.00
C ALA A 412 -4.07 -5.87 2.63
N LEU A 413 -4.44 -4.65 3.01
CA LEU A 413 -3.66 -3.46 2.67
C LEU A 413 -3.56 -2.61 3.92
N LEU A 414 -2.32 -2.28 4.29
CA LEU A 414 -2.06 -1.47 5.48
C LEU A 414 -1.62 -0.08 5.04
N CYS A 415 -2.45 0.93 5.32
CA CYS A 415 -2.06 2.28 5.01
C CYS A 415 -1.07 2.75 6.07
N TYR A 416 0.07 3.25 5.64
CA TYR A 416 1.08 3.60 6.62
C TYR A 416 0.67 4.81 7.45
N VAL A 417 1.39 4.97 8.56
CA VAL A 417 1.28 6.12 9.43
C VAL A 417 2.72 6.48 9.73
N THR A 418 3.08 7.76 9.50
CA THR A 418 4.46 8.19 9.66
C THR A 418 4.68 8.80 11.04
N PRO A 419 5.95 9.07 11.40
CA PRO A 419 6.18 9.75 12.69
C PRO A 419 5.54 11.15 12.77
N LYS A 420 5.12 11.71 11.64
CA LYS A 420 4.49 13.03 11.63
C LYS A 420 2.97 13.02 11.80
N GLU A 421 2.38 11.84 11.93
CA GLU A 421 0.94 11.76 12.14
C GLU A 421 0.51 12.64 13.31
N HIS A 422 -0.53 13.44 13.09
CA HIS A 422 -1.11 14.37 14.07
C HIS A 422 -0.30 15.65 14.25
N LEU A 423 0.79 15.79 13.50
CA LEU A 423 1.75 16.87 13.75
C LEU A 423 2.07 17.74 12.53
N GLY A 424 2.15 17.14 11.35
CA GLY A 424 2.46 17.91 10.16
C GLY A 424 2.63 17.02 8.95
N LEU A 425 2.91 17.64 7.81
CA LEU A 425 3.07 16.91 6.56
C LEU A 425 4.37 16.09 6.58
N PRO A 426 4.28 14.78 6.29
CA PRO A 426 5.52 13.98 6.30
C PRO A 426 6.51 14.42 5.21
N ASN A 427 7.79 14.46 5.56
CA ASN A 427 8.83 14.71 4.57
C ASN A 427 9.41 13.39 4.08
N ARG A 428 10.39 13.47 3.18
CA ARG A 428 10.99 12.25 2.61
C ARG A 428 11.54 11.28 3.66
N ASP A 429 12.12 11.80 4.74
CA ASP A 429 12.64 10.93 5.81
C ASP A 429 11.49 10.20 6.52
N ASP A 430 10.40 10.93 6.77
CA ASP A 430 9.25 10.34 7.43
C ASP A 430 8.59 9.28 6.57
N VAL A 431 8.61 9.48 5.25
CA VAL A 431 8.07 8.51 4.32
C VAL A 431 8.85 7.20 4.44
N LYS A 432 10.18 7.27 4.42
CA LYS A 432 10.99 6.06 4.62
C LYS A 432 10.66 5.39 5.96
N ALA A 433 10.61 6.17 7.03
CA ALA A 433 10.36 5.60 8.36
C ALA A 433 9.01 4.87 8.40
N GLY A 434 7.99 5.48 7.80
CA GLY A 434 6.68 4.88 7.76
C GLY A 434 6.65 3.61 6.94
N VAL A 435 7.31 3.62 5.77
CA VAL A 435 7.30 2.44 4.93
C VAL A 435 8.02 1.28 5.63
N ILE A 436 9.16 1.54 6.25
N ILE A 436 9.15 1.55 6.26
CA ILE A 436 9.89 0.47 6.96
CA ILE A 436 9.90 0.50 6.96
C ILE A 436 9.03 -0.11 8.08
C ILE A 436 9.09 -0.10 8.12
N ALA A 437 8.43 0.75 8.89
CA ALA A 437 7.59 0.27 10.00
C ALA A 437 6.45 -0.61 9.48
N TYR A 438 5.88 -0.21 8.34
CA TYR A 438 4.77 -0.95 7.75
C TYR A 438 5.18 -2.22 7.03
N LYS A 439 6.38 -2.23 6.43
CA LYS A 439 6.89 -3.47 5.86
C LYS A 439 7.14 -4.49 6.98
N ILE A 440 7.59 -4.03 8.13
CA ILE A 440 7.71 -4.88 9.30
C ILE A 440 6.35 -5.45 9.70
N ALA A 441 5.35 -4.59 9.84
CA ALA A 441 4.02 -5.06 10.23
C ALA A 441 3.46 -6.04 9.22
N ALA A 442 3.60 -5.72 7.93
CA ALA A 442 3.05 -6.57 6.88
C ALA A 442 3.72 -7.94 6.88
N HIS A 443 5.05 -7.97 7.01
CA HIS A 443 5.73 -9.25 7.01
C HIS A 443 5.45 -10.05 8.29
N ALA A 444 5.35 -9.36 9.42
CA ALA A 444 5.01 -10.04 10.67
C ALA A 444 3.64 -10.69 10.52
N ALA A 445 2.72 -10.00 9.85
CA ALA A 445 1.40 -10.57 9.56
C ALA A 445 1.50 -11.76 8.62
N ASP A 446 2.31 -11.66 7.56
CA ASP A 446 2.49 -12.81 6.67
C ASP A 446 2.96 -14.05 7.46
N LEU A 447 3.88 -13.85 8.40
CA LEU A 447 4.36 -14.96 9.21
C LEU A 447 3.23 -15.53 10.06
N ALA A 448 2.45 -14.64 10.67
CA ALA A 448 1.35 -15.06 11.54
C ALA A 448 0.30 -15.87 10.79
N LYS A 449 0.13 -15.58 9.51
CA LYS A 449 -0.82 -16.27 8.65
C LYS A 449 -0.22 -17.53 8.07
N GLN A 450 1.05 -17.78 8.36
CA GLN A 450 1.78 -18.90 7.78
C GLN A 450 1.71 -18.85 6.25
N HIS A 451 1.85 -17.64 5.72
CA HIS A 451 1.81 -17.46 4.27
C HIS A 451 2.98 -18.21 3.64
N PRO A 452 2.74 -18.94 2.53
CA PRO A 452 3.80 -19.78 1.98
C PRO A 452 5.10 -19.02 1.75
N HIS A 453 6.18 -19.59 2.26
N HIS A 453 6.21 -19.59 2.22
CA HIS A 453 7.55 -19.13 2.02
CA HIS A 453 7.56 -19.09 1.93
C HIS A 453 7.94 -17.80 2.69
C HIS A 453 7.95 -17.82 2.71
N ALA A 454 7.03 -17.22 3.46
CA ALA A 454 7.34 -15.95 4.13
C ALA A 454 8.53 -16.08 5.10
N GLN A 455 8.60 -17.20 5.81
CA GLN A 455 9.65 -17.38 6.80
C GLN A 455 11.03 -17.59 6.17
N ALA A 456 11.08 -17.88 4.87
CA ALA A 456 12.37 -18.07 4.22
C ALA A 456 13.25 -16.83 4.35
N TRP A 457 12.63 -15.65 4.36
CA TRP A 457 13.37 -14.42 4.50
C TRP A 457 14.00 -14.33 5.89
N ASP A 458 13.20 -14.52 6.94
CA ASP A 458 13.72 -14.53 8.30
C ASP A 458 14.82 -15.56 8.46
N ASP A 459 14.61 -16.74 7.88
CA ASP A 459 15.58 -17.82 8.04
C ASP A 459 16.91 -17.48 7.38
N ALA A 460 16.86 -16.87 6.20
CA ALA A 460 18.10 -16.50 5.52
C ALA A 460 18.89 -15.46 6.32
N LEU A 461 18.20 -14.47 6.86
CA LEU A 461 18.89 -13.46 7.66
C LEU A 461 19.44 -14.09 8.95
N SER A 462 18.63 -14.90 9.61
CA SER A 462 19.06 -15.53 10.87
C SER A 462 20.23 -16.48 10.66
N LYS A 463 20.27 -17.16 9.52
CA LYS A 463 21.40 -18.03 9.22
C LYS A 463 22.68 -17.19 9.05
N ALA A 464 22.57 -16.07 8.34
CA ALA A 464 23.70 -15.16 8.20
C ALA A 464 24.16 -14.62 9.57
N ARG A 465 23.19 -14.34 10.43
CA ARG A 465 23.47 -13.86 11.79
C ARG A 465 24.27 -14.90 12.58
N PHE A 466 23.79 -16.14 12.59
CA PHE A 466 24.45 -17.19 13.34
C PHE A 466 25.85 -17.48 12.80
N GLU A 467 26.02 -17.34 11.49
CA GLU A 467 27.29 -17.68 10.84
C GLU A 467 28.25 -16.50 10.74
N PHE A 468 27.86 -15.36 11.31
CA PHE A 468 28.68 -14.15 11.30
C PHE A 468 29.01 -13.67 9.89
N ARG A 469 28.10 -13.95 8.95
CA ARG A 469 28.19 -13.37 7.62
C ARG A 469 27.54 -11.99 7.66
N TRP A 470 28.24 -11.04 8.24
CA TRP A 470 27.66 -9.74 8.58
C TRP A 470 27.12 -9.00 7.37
N MET A 471 27.91 -8.94 6.30
N MET A 471 27.91 -8.94 6.30
CA MET A 471 27.46 -8.22 5.11
CA MET A 471 27.48 -8.24 5.11
C MET A 471 26.23 -8.87 4.47
C MET A 471 26.22 -8.87 4.52
N ASP A 472 26.15 -10.20 4.53
CA ASP A 472 24.96 -10.91 4.08
C ASP A 472 23.76 -10.56 4.95
N GLN A 473 23.96 -10.54 6.27
CA GLN A 473 22.89 -10.16 7.18
C GLN A 473 22.34 -8.79 6.81
N PHE A 474 23.24 -7.82 6.64
CA PHE A 474 22.80 -6.47 6.31
C PHE A 474 22.07 -6.48 4.96
N ALA A 475 22.64 -7.16 3.97
CA ALA A 475 22.10 -7.16 2.62
C ALA A 475 20.68 -7.74 2.57
N LEU A 476 20.39 -8.69 3.45
CA LEU A 476 19.10 -9.34 3.51
C LEU A 476 18.05 -8.55 4.27
N SER A 477 18.45 -7.48 4.96
N SER A 477 18.47 -7.48 4.94
CA SER A 477 17.49 -6.79 5.82
CA SER A 477 17.62 -6.68 5.82
C SER A 477 16.68 -5.76 5.06
C SER A 477 16.66 -5.78 5.04
N LEU A 478 15.66 -5.24 5.73
CA LEU A 478 14.77 -4.26 5.11
C LEU A 478 15.51 -2.99 4.74
N ASP A 479 16.52 -2.63 5.52
CA ASP A 479 17.25 -1.37 5.33
C ASP A 479 18.73 -1.63 5.59
N PRO A 480 19.43 -2.18 4.60
CA PRO A 480 20.81 -2.66 4.81
C PRO A 480 21.78 -1.62 5.36
N MET A 481 21.74 -0.39 4.87
CA MET A 481 22.73 0.60 5.29
C MET A 481 22.52 1.07 6.72
N THR A 482 21.28 1.03 7.20
CA THR A 482 21.04 1.35 8.60
C THR A 482 21.65 0.29 9.50
N ALA A 483 21.41 -0.98 9.18
CA ALA A 483 21.96 -2.07 9.98
C ALA A 483 23.48 -2.00 9.98
N MET A 484 24.06 -1.79 8.79
CA MET A 484 25.50 -1.73 8.67
C MET A 484 26.09 -0.54 9.45
N SER A 485 25.51 0.63 9.25
N SER A 485 25.52 0.64 9.26
CA SER A 485 25.99 1.84 9.91
CA SER A 485 26.05 1.83 9.92
C SER A 485 25.91 1.70 11.43
C SER A 485 25.89 1.75 11.44
N PHE A 486 24.80 1.16 11.92
CA PHE A 486 24.60 0.99 13.36
C PHE A 486 25.68 0.09 13.95
N HIS A 487 25.95 -1.04 13.29
CA HIS A 487 27.02 -1.92 13.73
C HIS A 487 28.35 -1.20 13.75
N ASP A 488 28.60 -0.40 12.72
CA ASP A 488 29.89 0.23 12.52
C ASP A 488 30.14 1.43 13.43
N GLU A 489 29.12 1.87 14.16
CA GLU A 489 29.31 2.98 15.10
C GLU A 489 30.32 2.59 16.18
N THR A 490 30.33 1.32 16.55
CA THR A 490 31.24 0.82 17.56
C THR A 490 32.38 -0.03 16.97
N LEU A 491 32.09 -0.75 15.88
CA LEU A 491 33.11 -1.57 15.23
C LEU A 491 33.16 -1.32 13.71
N PRO A 492 33.81 -0.22 13.30
CA PRO A 492 33.80 0.18 11.88
C PRO A 492 34.83 -0.55 11.02
N ALA A 493 35.81 -1.22 11.63
CA ALA A 493 36.89 -1.83 10.87
C ALA A 493 36.42 -2.99 9.99
N ASP A 494 37.00 -3.12 8.80
CA ASP A 494 36.64 -4.18 7.86
C ASP A 494 36.69 -5.56 8.50
N GLY A 495 37.68 -5.79 9.34
CA GLY A 495 37.85 -7.07 10.01
C GLY A 495 36.67 -7.45 10.89
N ALA A 496 35.95 -6.44 11.39
CA ALA A 496 34.80 -6.72 12.25
C ALA A 496 33.64 -7.33 11.47
N LYS A 497 33.65 -7.18 10.15
CA LYS A 497 32.59 -7.75 9.32
C LYS A 497 32.69 -9.27 9.22
N VAL A 498 33.79 -9.84 9.72
CA VAL A 498 33.90 -11.29 9.80
C VAL A 498 34.21 -11.77 11.22
N ALA A 499 34.09 -10.86 12.19
CA ALA A 499 34.34 -11.19 13.58
C ALA A 499 33.19 -11.98 14.19
N HIS A 500 33.51 -12.94 15.04
CA HIS A 500 32.49 -13.76 15.70
C HIS A 500 32.06 -13.16 17.03
N PHE A 501 31.64 -11.90 16.95
CA PHE A 501 31.08 -11.12 18.05
C PHE A 501 30.76 -9.73 17.50
N CYS A 502 30.11 -8.91 18.32
CA CYS A 502 30.00 -7.48 18.07
C CYS A 502 30.20 -6.78 19.41
N SER A 503 29.95 -5.47 19.46
CA SER A 503 30.27 -4.72 20.66
C SER A 503 29.26 -4.91 21.80
N MET A 504 28.11 -5.51 21.50
CA MET A 504 27.09 -5.75 22.54
C MET A 504 27.65 -6.65 23.64
N CYS A 505 28.23 -7.78 23.25
CA CYS A 505 28.77 -8.73 24.22
C CYS A 505 30.29 -8.76 24.28
N GLY A 506 30.94 -8.37 23.19
CA GLY A 506 32.38 -8.54 23.09
C GLY A 506 32.75 -9.98 22.80
N PRO A 507 34.04 -10.23 22.52
CA PRO A 507 34.47 -11.55 22.04
C PRO A 507 34.21 -12.70 23.03
N LYS A 508 34.30 -12.43 24.33
CA LYS A 508 34.22 -13.51 25.32
C LYS A 508 32.81 -13.82 25.84
N PHE A 509 31.83 -13.01 25.45
CA PHE A 509 30.47 -13.20 25.94
C PHE A 509 29.44 -13.36 24.83
N CYS A 510 29.91 -13.45 23.58
CA CYS A 510 29.02 -13.66 22.45
C CYS A 510 28.42 -15.07 22.49
N SER A 511 27.11 -15.15 22.66
CA SER A 511 26.44 -16.44 22.83
C SER A 511 26.48 -17.32 21.60
N MET A 512 26.44 -16.70 20.41
CA MET A 512 26.51 -17.48 19.19
C MET A 512 27.90 -18.07 18.96
N LYS A 513 28.94 -17.36 19.39
CA LYS A 513 30.30 -17.89 19.36
C LYS A 513 30.44 -19.03 20.37
N ILE A 514 29.86 -18.87 21.55
CA ILE A 514 29.87 -19.96 22.52
C ILE A 514 29.14 -21.19 21.97
N THR A 515 28.01 -20.97 21.30
CA THR A 515 27.30 -22.09 20.67
C THR A 515 28.16 -22.74 19.59
N GLU A 516 28.82 -21.90 18.79
CA GLU A 516 29.77 -22.36 17.77
C GLU A 516 30.82 -23.30 18.35
N ASP A 517 31.43 -22.90 19.48
CA ASP A 517 32.44 -23.72 20.13
C ASP A 517 31.84 -25.00 20.69
N ILE A 518 30.67 -24.87 21.30
CA ILE A 518 29.92 -26.01 21.83
C ILE A 518 29.67 -27.08 20.76
N ARG A 519 29.17 -26.64 19.60
CA ARG A 519 28.90 -27.57 18.51
C ARG A 519 30.18 -28.16 17.91
N LYS A 520 31.25 -27.37 17.90
CA LYS A 520 32.54 -27.87 17.42
C LYS A 520 33.03 -28.98 18.32
N TYR A 521 32.91 -28.77 19.63
CA TYR A 521 33.27 -29.80 20.61
C TYR A 521 32.47 -31.07 20.37
N ALA A 522 31.20 -30.91 20.06
CA ALA A 522 30.30 -32.05 19.93
C ALA A 522 30.49 -32.83 18.63
N GLU A 523 31.30 -32.29 17.73
CA GLU A 523 31.52 -32.91 16.42
C GLU A 523 32.06 -34.34 16.50
N GLU A 524 33.16 -34.52 17.22
CA GLU A 524 33.89 -35.78 17.23
C GLU A 524 33.03 -37.02 17.57
N ASN A 525 32.10 -36.87 18.51
CA ASN A 525 31.22 -37.98 18.88
C ASN A 525 29.90 -37.60 19.55
N GLY A 526 29.75 -36.34 19.93
CA GLY A 526 28.48 -35.89 20.50
C GLY A 526 28.54 -35.08 21.78
N TYR A 527 27.39 -34.98 22.44
CA TYR A 527 27.19 -34.15 23.63
C TYR A 527 27.35 -34.95 24.93
N GLY A 528 27.71 -36.23 24.82
CA GLY A 528 27.69 -37.12 25.95
C GLY A 528 29.00 -37.30 26.72
N SER A 529 30.07 -36.67 26.24
CA SER A 529 31.37 -36.82 26.87
C SER A 529 31.90 -35.52 27.47
N ALA A 530 32.61 -35.63 28.59
CA ALA A 530 33.19 -34.46 29.25
C ALA A 530 34.28 -33.83 28.42
#